data_3VHM
#
_entry.id   3VHM
#
_cell.length_a   131.020
_cell.length_b   73.535
_cell.length_c   81.180
_cell.angle_alpha   90.000
_cell.angle_beta   120.020
_cell.angle_gamma   90.000
#
_symmetry.space_group_name_H-M   'C 1 2 1'
#
loop_
_entity.id
_entity.type
_entity.pdbx_description
1 polymer Avidin
2 non-polymer '5-[(3aS,4R,6aR)-1-{[(1R)-1-(6-nitro-1,3-benzodioxol-5-yl)ethoxy]carbonyl}-2-oxohexahydro-1H-thieno[3,4-d]imidazol-4-yl]pentanoic acid'
3 non-polymer 2-acetamido-2-deoxy-beta-D-glucopyranose
4 non-polymer 'SULFATE ION'
5 water water
#
_entity_poly.entity_id   1
_entity_poly.type   'polypeptide(L)'
_entity_poly.pdbx_seq_one_letter_code
;ARKCSLTGKWTNDLGSNMTIGAVNSRGEFTGTYITAVTATSNEIKESPLHGTQNTINKRTQPTFGFTVNWKFSESTTVFT
GQCFIDRNGKEVLKTMWLLRSSVNDIGDDWKATRVGINIFTRL
;
_entity_poly.pdbx_strand_id   A,B,C,D
#
# COMPACT_ATOMS: atom_id res chain seq x y z
N ALA A 1 -13.98 8.79 -28.15
CA ALA A 1 -13.05 7.81 -27.50
C ALA A 1 -13.61 6.36 -27.55
N ARG A 2 -12.71 5.37 -27.75
CA ARG A 2 -13.17 3.99 -27.58
C ARG A 2 -13.70 3.83 -26.14
N LYS A 3 -14.52 2.85 -25.91
CA LYS A 3 -14.74 2.43 -24.55
C LYS A 3 -13.62 1.48 -24.20
N CYS A 4 -13.13 1.59 -22.98
CA CYS A 4 -12.19 0.63 -22.50
C CYS A 4 -12.97 -0.51 -21.86
N SER A 5 -12.82 -1.69 -22.43
CA SER A 5 -13.56 -2.88 -22.01
C SER A 5 -12.63 -3.86 -21.34
N LEU A 6 -13.07 -4.50 -20.28
CA LEU A 6 -12.22 -5.49 -19.64
C LEU A 6 -12.15 -6.84 -20.31
N THR A 7 -13.16 -7.12 -21.14
CA THR A 7 -13.35 -8.48 -21.65
C THR A 7 -12.25 -8.90 -22.59
N GLY A 8 -11.56 -10.02 -22.34
CA GLY A 8 -10.48 -10.38 -23.22
C GLY A 8 -9.33 -11.05 -22.52
N LYS A 9 -8.28 -11.31 -23.30
CA LYS A 9 -7.09 -11.90 -22.80
C LYS A 9 -6.02 -10.82 -22.67
N TRP A 10 -5.36 -10.76 -21.50
CA TRP A 10 -4.44 -9.70 -21.21
C TRP A 10 -3.12 -10.33 -20.78
N THR A 11 -2.03 -9.56 -20.91
CA THR A 11 -0.72 -9.96 -20.40
C THR A 11 0.00 -8.74 -19.78
N ASN A 12 1.05 -9.01 -19.01
CA ASN A 12 1.99 -7.98 -18.47
C ASN A 12 3.47 -8.18 -18.94
N ASP A 13 4.42 -7.31 -18.52
CA ASP A 13 5.77 -7.41 -19.14
C ASP A 13 6.40 -8.77 -18.85
N LEU A 14 6.10 -9.26 -17.66
CA LEU A 14 6.55 -10.54 -17.17
C LEU A 14 5.98 -11.71 -18.00
N GLY A 15 4.84 -11.52 -18.62
CA GLY A 15 4.19 -12.60 -19.31
C GLY A 15 3.29 -13.47 -18.44
N SER A 16 2.85 -13.03 -17.26
CA SER A 16 1.56 -13.54 -16.68
C SER A 16 0.38 -13.14 -17.59
N ASN A 17 -0.69 -13.97 -17.68
CA ASN A 17 -1.80 -13.73 -18.56
C ASN A 17 -3.04 -13.87 -17.75
N MET A 18 -4.06 -13.16 -18.18
CA MET A 18 -5.30 -13.33 -17.51
C MET A 18 -6.33 -13.15 -18.56
N THR A 19 -7.46 -13.82 -18.39
CA THR A 19 -8.56 -13.77 -19.31
C THR A 19 -9.75 -13.34 -18.53
N ILE A 20 -10.46 -12.29 -18.97
CA ILE A 20 -11.69 -11.87 -18.31
C ILE A 20 -12.84 -12.08 -19.28
N GLY A 21 -13.95 -12.62 -18.76
CA GLY A 21 -15.03 -13.02 -19.61
C GLY A 21 -15.95 -11.81 -19.74
N ALA A 22 -17.18 -12.04 -20.20
CA ALA A 22 -18.14 -10.95 -20.41
C ALA A 22 -18.47 -10.33 -19.09
N VAL A 23 -18.72 -9.04 -19.14
CA VAL A 23 -19.11 -8.24 -17.97
C VAL A 23 -20.65 -8.07 -18.01
N ASN A 24 -21.36 -8.55 -16.99
CA ASN A 24 -22.85 -8.59 -16.99
C ASN A 24 -23.44 -7.26 -16.54
N SER A 25 -24.77 -7.15 -16.52
CA SER A 25 -25.41 -5.83 -16.35
C SER A 25 -25.22 -5.30 -14.93
N ARG A 26 -24.90 -6.21 -13.99
CA ARG A 26 -24.49 -5.77 -12.65
C ARG A 26 -22.99 -5.42 -12.52
N GLY A 27 -22.23 -5.49 -13.61
CA GLY A 27 -20.80 -5.17 -13.62
C GLY A 27 -19.92 -6.38 -13.23
N GLU A 28 -20.50 -7.55 -13.10
CA GLU A 28 -19.72 -8.75 -12.68
C GLU A 28 -19.04 -9.47 -13.82
N PHE A 29 -17.81 -9.94 -13.56
CA PHE A 29 -17.15 -10.77 -14.53
C PHE A 29 -16.37 -11.88 -13.82
N THR A 30 -16.07 -12.91 -14.58
CA THR A 30 -15.24 -14.01 -14.08
C THR A 30 -14.07 -14.18 -14.98
N GLY A 31 -12.97 -14.83 -14.53
CA GLY A 31 -11.90 -15.06 -15.48
C GLY A 31 -10.88 -15.97 -14.86
N THR A 32 -9.67 -16.01 -15.44
CA THR A 32 -8.67 -16.94 -14.93
C THR A 32 -7.41 -16.11 -15.03
N TYR A 33 -6.46 -16.42 -14.15
CA TYR A 33 -5.18 -15.79 -14.09
C TYR A 33 -4.11 -16.91 -14.09
N ILE A 34 -3.08 -16.74 -14.94
CA ILE A 34 -1.91 -17.68 -14.95
C ILE A 34 -0.61 -16.85 -14.71
N THR A 35 -0.10 -16.91 -13.49
CA THR A 35 1.03 -16.06 -13.13
C THR A 35 2.32 -16.77 -13.64
N ALA A 36 3.25 -16.01 -14.15
CA ALA A 36 4.58 -16.45 -14.51
C ALA A 36 5.53 -16.58 -13.26
N VAL A 37 5.12 -16.02 -12.11
CA VAL A 37 5.99 -16.08 -10.87
C VAL A 37 5.19 -16.39 -9.65
N THR A 38 5.83 -16.94 -8.65
CA THR A 38 5.13 -17.26 -7.40
C THR A 38 5.99 -16.94 -6.17
N ALA A 39 5.35 -16.69 -5.03
CA ALA A 39 6.09 -16.69 -3.73
C ALA A 39 6.14 -18.13 -3.13
N THR A 40 5.43 -19.08 -3.71
CA THR A 40 5.36 -20.44 -3.14
C THR A 40 6.44 -21.31 -3.72
N SER A 41 6.45 -22.58 -3.34
CA SER A 41 7.47 -23.44 -3.83
C SER A 41 6.81 -24.71 -4.42
N ASN A 42 5.59 -24.57 -4.97
CA ASN A 42 5.05 -25.72 -5.66
C ASN A 42 4.73 -25.30 -7.09
N GLU A 43 4.06 -26.19 -7.80
CA GLU A 43 3.72 -26.01 -9.20
C GLU A 43 2.62 -24.93 -9.32
N ILE A 44 2.91 -23.88 -10.07
CA ILE A 44 1.86 -22.89 -10.43
C ILE A 44 0.70 -23.55 -11.21
N LYS A 45 -0.56 -23.25 -10.83
CA LYS A 45 -1.71 -23.59 -11.69
C LYS A 45 -2.58 -22.33 -12.00
N GLU A 46 -3.17 -22.34 -13.17
CA GLU A 46 -4.25 -21.47 -13.54
C GLU A 46 -5.29 -21.39 -12.42
N SER A 47 -5.65 -20.16 -12.01
CA SER A 47 -6.54 -19.90 -10.92
C SER A 47 -7.65 -18.99 -11.37
N PRO A 48 -8.84 -19.15 -10.78
CA PRO A 48 -9.95 -18.30 -11.19
C PRO A 48 -9.85 -16.87 -10.58
N LEU A 49 -10.46 -15.89 -11.26
CA LEU A 49 -10.68 -14.60 -10.61
C LEU A 49 -12.16 -14.22 -10.76
N HIS A 50 -12.63 -13.31 -9.84
CA HIS A 50 -13.99 -12.80 -9.91
C HIS A 50 -13.93 -11.35 -9.46
N GLY A 51 -14.66 -10.50 -10.15
CA GLY A 51 -14.60 -9.10 -9.81
C GLY A 51 -15.78 -8.35 -10.39
N THR A 52 -15.75 -7.03 -10.25
CA THR A 52 -16.81 -6.19 -10.82
C THR A 52 -16.15 -4.95 -11.36
N GLN A 53 -16.78 -4.41 -12.38
CA GLN A 53 -16.40 -3.10 -12.87
C GLN A 53 -17.48 -2.12 -12.39
N ASN A 54 -17.11 -0.91 -12.15
CA ASN A 54 -18.01 0.03 -11.60
C ASN A 54 -18.78 0.66 -12.79
N THR A 55 -20.08 0.80 -12.70
CA THR A 55 -20.81 1.27 -13.91
C THR A 55 -21.46 2.64 -13.66
N ILE A 56 -21.13 3.26 -12.54
CA ILE A 56 -21.73 4.52 -12.17
C ILE A 56 -21.39 5.58 -13.25
N ASN A 57 -22.40 6.41 -13.63
CA ASN A 57 -22.27 7.29 -14.80
C ASN A 57 -21.70 6.61 -16.05
N LYS A 58 -21.76 5.30 -16.15
CA LYS A 58 -21.27 4.59 -17.37
C LYS A 58 -19.96 5.13 -17.91
N ARG A 59 -18.89 5.22 -17.12
CA ARG A 59 -17.65 5.88 -17.61
C ARG A 59 -16.98 5.02 -18.68
N THR A 60 -16.38 5.66 -19.69
CA THR A 60 -15.77 4.91 -20.74
C THR A 60 -14.46 4.32 -20.29
N GLN A 61 -13.91 4.86 -19.19
CA GLN A 61 -12.69 4.32 -18.57
C GLN A 61 -12.99 3.88 -17.14
N PRO A 62 -13.53 2.70 -17.00
CA PRO A 62 -14.13 2.53 -15.68
C PRO A 62 -13.15 1.95 -14.68
N THR A 63 -13.45 2.11 -13.37
CA THR A 63 -12.56 1.44 -12.37
C THR A 63 -13.11 0.04 -12.23
N PHE A 64 -12.34 -0.82 -11.57
CA PHE A 64 -12.79 -2.17 -11.32
C PHE A 64 -11.90 -2.79 -10.21
N GLY A 65 -12.29 -3.99 -9.76
CA GLY A 65 -11.58 -4.72 -8.76
C GLY A 65 -11.74 -6.18 -9.02
N PHE A 66 -10.77 -7.03 -8.64
CA PHE A 66 -11.08 -8.43 -8.65
C PHE A 66 -10.17 -9.14 -7.68
N THR A 67 -10.57 -10.37 -7.39
CA THR A 67 -9.92 -11.27 -6.41
C THR A 67 -9.41 -12.52 -7.21
N VAL A 68 -8.14 -12.85 -7.03
CA VAL A 68 -7.63 -14.07 -7.64
C VAL A 68 -7.57 -15.05 -6.51
N ASN A 69 -8.23 -16.19 -6.71
CA ASN A 69 -8.34 -17.27 -5.74
C ASN A 69 -7.29 -18.34 -6.06
N TRP A 70 -6.05 -18.13 -5.62
CA TRP A 70 -4.93 -18.97 -6.11
C TRP A 70 -5.20 -20.47 -5.80
N LYS A 71 -4.98 -21.33 -6.78
CA LYS A 71 -5.28 -22.72 -6.60
C LYS A 71 -4.12 -23.52 -6.07
N PHE A 72 -2.98 -22.88 -5.77
CA PHE A 72 -1.76 -23.60 -5.40
C PHE A 72 -1.12 -23.03 -4.15
N SER A 73 -1.82 -22.12 -3.43
CA SER A 73 -1.24 -21.38 -2.37
C SER A 73 -2.43 -21.15 -1.46
N GLU A 74 -2.19 -20.92 -0.17
CA GLU A 74 -3.23 -20.50 0.72
C GLU A 74 -3.48 -18.99 0.65
N SER A 75 -2.68 -18.27 -0.15
CA SER A 75 -2.80 -16.76 -0.26
C SER A 75 -3.98 -16.35 -1.12
N THR A 76 -4.30 -15.02 -1.09
CA THR A 76 -5.27 -14.43 -1.99
C THR A 76 -4.66 -13.13 -2.49
N THR A 77 -4.84 -12.79 -3.75
CA THR A 77 -4.49 -11.44 -4.27
C THR A 77 -5.77 -10.73 -4.73
N VAL A 78 -5.85 -9.45 -4.47
CA VAL A 78 -6.91 -8.58 -4.98
C VAL A 78 -6.20 -7.57 -5.81
N PHE A 79 -6.82 -7.21 -6.93
CA PHE A 79 -6.30 -6.17 -7.78
C PHE A 79 -7.38 -5.05 -7.92
N THR A 80 -7.00 -3.78 -8.07
CA THR A 80 -8.05 -2.75 -8.38
C THR A 80 -7.37 -1.73 -9.28
N GLY A 81 -8.07 -1.11 -10.23
CA GLY A 81 -7.40 -0.13 -11.06
C GLY A 81 -8.42 0.38 -12.06
N GLN A 82 -7.90 0.82 -13.20
CA GLN A 82 -8.82 1.51 -14.09
C GLN A 82 -8.43 1.11 -15.53
N CYS A 83 -9.43 1.06 -16.43
CA CYS A 83 -9.24 0.63 -17.85
C CYS A 83 -9.10 1.92 -18.60
N PHE A 84 -7.94 2.20 -19.19
CA PHE A 84 -7.75 3.52 -19.79
C PHE A 84 -7.55 3.32 -21.26
N ILE A 85 -7.91 4.30 -22.09
CA ILE A 85 -7.28 4.31 -23.45
C ILE A 85 -5.97 5.02 -23.27
N ASP A 86 -4.87 4.37 -23.54
CA ASP A 86 -3.56 4.92 -23.36
C ASP A 86 -3.24 5.99 -24.37
N ARG A 87 -2.08 6.65 -24.21
CA ARG A 87 -1.65 7.73 -25.08
C ARG A 87 -1.60 7.27 -26.55
N ASN A 88 -1.18 6.02 -26.77
CA ASN A 88 -1.10 5.42 -28.11
C ASN A 88 -2.38 4.80 -28.62
N GLY A 89 -3.48 5.00 -27.87
CA GLY A 89 -4.85 4.61 -28.31
C GLY A 89 -5.15 3.20 -27.97
N LYS A 90 -4.19 2.49 -27.37
CA LYS A 90 -4.44 1.09 -26.96
C LYS A 90 -5.14 1.03 -25.59
N GLU A 91 -5.92 -0.02 -25.31
CA GLU A 91 -6.44 -0.16 -23.93
C GLU A 91 -5.30 -0.57 -23.02
N VAL A 92 -5.26 -0.08 -21.79
CA VAL A 92 -4.33 -0.55 -20.85
C VAL A 92 -5.02 -0.66 -19.46
N LEU A 93 -4.72 -1.74 -18.70
CA LEU A 93 -5.24 -1.78 -17.33
C LEU A 93 -4.13 -1.34 -16.41
N LYS A 94 -4.40 -0.24 -15.68
CA LYS A 94 -3.42 0.19 -14.64
C LYS A 94 -3.95 -0.26 -13.31
N THR A 95 -3.24 -1.23 -12.66
CA THR A 95 -3.78 -1.82 -11.45
C THR A 95 -2.76 -1.72 -10.34
N MET A 96 -3.24 -1.82 -9.10
CA MET A 96 -2.46 -2.11 -7.93
C MET A 96 -3.07 -3.31 -7.24
N TRP A 97 -2.26 -3.98 -6.42
CA TRP A 97 -2.64 -5.29 -5.82
C TRP A 97 -2.13 -5.37 -4.39
N LEU A 98 -2.82 -6.17 -3.59
CA LEU A 98 -2.37 -6.60 -2.29
C LEU A 98 -2.39 -8.15 -2.41
N LEU A 99 -1.27 -8.76 -2.04
CA LEU A 99 -1.13 -10.23 -1.86
C LEU A 99 -1.14 -10.54 -0.38
N ARG A 100 -2.21 -11.22 0.05
CA ARG A 100 -2.39 -11.56 1.41
C ARG A 100 -1.83 -13.01 1.61
N SER A 101 -0.82 -13.18 2.46
CA SER A 101 -0.33 -14.52 2.87
C SER A 101 -1.15 -15.09 3.97
N SER A 102 -1.26 -16.44 4.01
CA SER A 102 -1.77 -17.09 5.20
C SER A 102 -0.74 -17.13 6.35
N VAL A 103 -1.07 -16.61 7.51
CA VAL A 103 -0.18 -16.77 8.68
C VAL A 103 -0.82 -17.70 9.76
N ASN A 104 0.01 -18.33 10.63
CA ASN A 104 -0.46 -19.37 11.57
C ASN A 104 -1.07 -18.80 12.77
N ASP A 105 -0.73 -17.55 13.03
CA ASP A 105 -0.91 -16.88 14.26
C ASP A 105 -1.40 -15.47 14.04
N ILE A 106 -2.38 -15.02 14.79
CA ILE A 106 -2.80 -13.65 14.65
C ILE A 106 -1.72 -12.58 15.02
N GLY A 107 -0.75 -12.99 15.85
CA GLY A 107 0.41 -12.15 16.22
C GLY A 107 1.29 -11.81 15.03
N ASP A 108 1.23 -12.61 13.98
CA ASP A 108 1.98 -12.35 12.77
C ASP A 108 1.15 -11.67 11.66
N ASP A 109 -0.06 -11.29 11.94
CA ASP A 109 -0.84 -10.67 10.86
C ASP A 109 -0.14 -9.43 10.20
N TRP A 110 0.52 -8.58 11.02
CA TRP A 110 1.27 -7.45 10.53
C TRP A 110 2.17 -7.67 9.31
N LYS A 111 2.74 -8.87 9.12
CA LYS A 111 3.64 -9.05 8.01
C LYS A 111 3.02 -9.73 6.81
N ALA A 112 1.70 -9.97 6.86
CA ALA A 112 1.11 -10.81 5.80
C ALA A 112 0.69 -10.16 4.50
N THR A 113 0.86 -8.81 4.35
CA THR A 113 0.36 -8.13 3.15
C THR A 113 1.39 -7.45 2.28
N ARG A 114 1.58 -7.95 1.05
CA ARG A 114 2.57 -7.31 0.15
C ARG A 114 1.74 -6.43 -0.85
N VAL A 115 2.36 -5.43 -1.41
CA VAL A 115 1.65 -4.51 -2.35
C VAL A 115 2.55 -4.32 -3.57
N GLY A 116 1.94 -4.12 -4.72
CA GLY A 116 2.67 -3.83 -5.95
C GLY A 116 1.74 -3.25 -6.98
N ILE A 117 2.25 -3.06 -8.22
CA ILE A 117 1.44 -2.60 -9.27
C ILE A 117 1.38 -3.73 -10.31
N ASN A 118 0.52 -3.56 -11.27
CA ASN A 118 0.57 -4.43 -12.48
C ASN A 118 -0.07 -3.78 -13.62
N ILE A 119 0.62 -3.77 -14.77
CA ILE A 119 0.09 -3.07 -15.91
C ILE A 119 -0.16 -4.08 -17.08
N PHE A 120 -1.37 -4.10 -17.62
CA PHE A 120 -1.81 -5.14 -18.54
C PHE A 120 -2.16 -4.56 -19.86
N THR A 121 -1.81 -5.31 -20.92
CA THR A 121 -2.14 -4.82 -22.25
C THR A 121 -2.82 -6.01 -22.94
N ARG A 122 -3.47 -5.85 -24.06
CA ARG A 122 -4.17 -6.98 -24.67
C ARG A 122 -3.28 -8.01 -25.33
N LEU A 123 -3.60 -9.27 -25.19
CA LEU A 123 -2.78 -10.32 -25.80
C LEU A 123 -3.68 -11.00 -26.79
N LYS B 3 -12.67 -23.64 10.46
CA LYS B 3 -13.91 -23.24 11.17
C LYS B 3 -14.12 -21.69 11.36
N CYS B 4 -13.15 -20.84 10.92
CA CYS B 4 -13.39 -19.38 10.84
C CYS B 4 -14.26 -19.16 9.59
N SER B 5 -15.51 -18.75 9.76
CA SER B 5 -16.37 -18.54 8.63
C SER B 5 -16.63 -17.07 8.29
N LEU B 6 -16.63 -16.74 7.04
CA LEU B 6 -16.89 -15.36 6.62
C LEU B 6 -18.37 -14.89 6.70
N THR B 7 -19.27 -15.91 6.73
CA THR B 7 -20.73 -15.70 6.66
C THR B 7 -21.29 -15.01 7.87
N GLY B 8 -21.94 -13.86 7.69
CA GLY B 8 -22.51 -13.21 8.83
C GLY B 8 -22.63 -11.73 8.65
N LYS B 9 -22.98 -11.01 9.70
CA LYS B 9 -23.00 -9.59 9.69
C LYS B 9 -21.73 -9.15 10.50
N TRP B 10 -21.06 -8.13 10.01
CA TRP B 10 -19.77 -7.69 10.59
C TRP B 10 -19.87 -6.19 10.72
N THR B 11 -19.14 -5.65 11.72
CA THR B 11 -18.96 -4.24 11.88
C THR B 11 -17.46 -3.89 12.16
N ASN B 12 -17.11 -2.63 11.97
CA ASN B 12 -15.82 -2.14 12.44
C ASN B 12 -15.96 -1.02 13.42
N ASP B 13 -14.83 -0.47 13.84
CA ASP B 13 -14.85 0.51 14.90
C ASP B 13 -15.48 1.80 14.49
N LEU B 14 -15.36 2.11 13.20
CA LEU B 14 -16.08 3.21 12.62
C LEU B 14 -17.60 2.99 12.62
N GLY B 15 -18.07 1.76 12.71
CA GLY B 15 -19.51 1.55 12.52
C GLY B 15 -19.99 1.35 11.07
N SER B 16 -19.08 1.09 10.13
CA SER B 16 -19.44 0.52 8.85
C SER B 16 -19.89 -0.95 9.04
N ASN B 17 -20.89 -1.42 8.30
CA ASN B 17 -21.25 -2.82 8.43
C ASN B 17 -21.18 -3.51 7.13
N MET B 18 -21.11 -4.80 7.20
CA MET B 18 -20.92 -5.58 6.06
C MET B 18 -21.75 -6.81 6.33
N THR B 19 -22.52 -7.26 5.35
CA THR B 19 -23.05 -8.65 5.42
C THR B 19 -22.36 -9.52 4.43
N ILE B 20 -22.11 -10.76 4.81
CA ILE B 20 -21.65 -11.76 3.83
C ILE B 20 -22.54 -12.98 3.87
N GLY B 21 -22.95 -13.52 2.71
CA GLY B 21 -23.83 -14.70 2.62
C GLY B 21 -23.07 -16.03 2.73
N ALA B 22 -23.73 -17.12 2.31
CA ALA B 22 -23.11 -18.44 2.28
C ALA B 22 -21.90 -18.39 1.31
N VAL B 23 -20.88 -19.14 1.65
CA VAL B 23 -19.68 -19.27 0.88
C VAL B 23 -19.90 -20.64 0.18
N ASN B 24 -19.98 -20.64 -1.15
CA ASN B 24 -20.27 -21.87 -1.90
C ASN B 24 -19.08 -22.78 -1.98
N SER B 25 -19.18 -23.93 -2.68
CA SER B 25 -18.10 -24.97 -2.56
C SER B 25 -16.87 -24.57 -3.33
N ARG B 26 -17.02 -23.77 -4.40
CA ARG B 26 -15.90 -22.96 -4.94
C ARG B 26 -15.34 -21.77 -4.08
N GLY B 27 -15.91 -21.43 -2.93
CA GLY B 27 -15.35 -20.41 -2.04
C GLY B 27 -15.91 -19.01 -2.36
N GLU B 28 -16.83 -18.92 -3.33
CA GLU B 28 -17.48 -17.66 -3.69
C GLU B 28 -18.58 -17.18 -2.69
N PHE B 29 -18.61 -15.88 -2.41
CA PHE B 29 -19.69 -15.33 -1.65
C PHE B 29 -20.09 -13.95 -2.19
N THR B 30 -21.24 -13.45 -1.78
CA THR B 30 -21.59 -12.08 -2.16
C THR B 30 -21.98 -11.45 -0.84
N GLY B 31 -22.22 -10.13 -0.80
CA GLY B 31 -22.40 -9.49 0.51
C GLY B 31 -22.86 -8.09 0.23
N THR B 32 -23.01 -7.28 1.29
CA THR B 32 -23.25 -5.87 1.08
C THR B 32 -22.35 -5.12 2.05
N TYR B 33 -22.12 -3.85 1.80
CA TYR B 33 -21.22 -3.03 2.60
C TYR B 33 -21.94 -1.70 2.75
N ILE B 34 -22.18 -1.29 3.99
CA ILE B 34 -22.69 0.07 4.21
C ILE B 34 -21.66 0.91 4.98
N THR B 35 -21.02 1.83 4.28
CA THR B 35 -19.91 2.55 4.83
C THR B 35 -20.45 3.71 5.65
N ALA B 36 -19.87 3.94 6.81
CA ALA B 36 -20.09 5.23 7.54
C ALA B 36 -19.45 6.50 6.89
N VAL B 37 -18.44 6.35 6.04
CA VAL B 37 -17.70 7.54 5.60
C VAL B 37 -17.39 7.34 4.16
N THR B 38 -17.18 8.42 3.43
CA THR B 38 -16.90 8.35 2.02
C THR B 38 -15.87 9.45 1.74
N ALA B 39 -15.05 9.26 0.68
CA ALA B 39 -14.09 10.31 0.28
C ALA B 39 -14.77 11.25 -0.71
N THR B 40 -16.06 10.97 -0.94
CA THR B 40 -16.87 11.59 -1.97
C THR B 40 -17.81 12.63 -1.36
N SER B 41 -18.46 13.44 -2.19
CA SER B 41 -19.42 14.36 -1.60
C SER B 41 -20.84 13.79 -1.74
N ASN B 42 -20.98 12.59 -2.32
CA ASN B 42 -22.31 12.00 -2.59
C ASN B 42 -22.94 11.39 -1.37
N GLU B 43 -24.23 11.06 -1.45
CA GLU B 43 -24.90 10.42 -0.33
C GLU B 43 -24.55 8.95 -0.40
N ILE B 44 -24.18 8.36 0.73
CA ILE B 44 -23.79 6.94 0.80
C ILE B 44 -24.97 6.01 0.52
N LYS B 45 -24.78 4.92 -0.23
CA LYS B 45 -25.79 3.92 -0.41
C LYS B 45 -25.16 2.57 -0.16
N GLU B 46 -25.89 1.69 0.47
CA GLU B 46 -25.38 0.32 0.70
C GLU B 46 -24.96 -0.21 -0.64
N SER B 47 -23.87 -0.98 -0.71
CA SER B 47 -23.37 -1.36 -2.02
C SER B 47 -23.02 -2.85 -2.02
N PRO B 48 -23.09 -3.52 -3.18
CA PRO B 48 -22.82 -4.97 -3.22
C PRO B 48 -21.32 -5.29 -3.11
N LEU B 49 -20.96 -6.49 -2.62
CA LEU B 49 -19.60 -6.95 -2.72
C LEU B 49 -19.62 -8.38 -3.19
N HIS B 50 -18.53 -8.81 -3.83
CA HIS B 50 -18.39 -10.18 -4.27
C HIS B 50 -16.92 -10.58 -4.07
N GLY B 51 -16.70 -11.77 -3.54
CA GLY B 51 -15.33 -12.22 -3.32
C GLY B 51 -15.23 -13.72 -3.21
N THR B 52 -14.09 -14.15 -2.77
CA THR B 52 -13.84 -15.54 -2.58
C THR B 52 -12.96 -15.74 -1.39
N GLN B 53 -13.17 -16.91 -0.81
CA GLN B 53 -12.38 -17.45 0.28
C GLN B 53 -11.44 -18.47 -0.32
N ASN B 54 -10.23 -18.51 0.21
CA ASN B 54 -9.25 -19.43 -0.34
C ASN B 54 -9.53 -20.82 0.28
N THR B 55 -9.65 -21.90 -0.49
CA THR B 55 -9.91 -23.18 0.21
C THR B 55 -8.73 -24.20 0.22
N ILE B 56 -7.56 -23.77 -0.26
CA ILE B 56 -6.42 -24.63 -0.35
C ILE B 56 -6.10 -25.16 1.06
N ASN B 57 -6.06 -26.48 1.16
CA ASN B 57 -5.75 -27.23 2.42
C ASN B 57 -6.76 -27.05 3.51
N LYS B 58 -7.97 -26.70 3.12
CA LYS B 58 -9.08 -26.37 4.04
C LYS B 58 -8.71 -25.66 5.37
N ARG B 59 -7.88 -24.61 5.28
CA ARG B 59 -7.38 -23.94 6.46
C ARG B 59 -8.52 -23.50 7.31
N THR B 60 -8.36 -23.66 8.63
CA THR B 60 -9.34 -23.20 9.57
C THR B 60 -9.39 -21.67 9.62
N GLN B 61 -8.31 -20.98 9.19
CA GLN B 61 -8.26 -19.51 9.24
C GLN B 61 -7.92 -19.06 7.82
N PRO B 62 -8.89 -19.08 6.92
CA PRO B 62 -8.57 -18.95 5.53
C PRO B 62 -8.24 -17.49 5.15
N THR B 63 -7.48 -17.28 4.08
CA THR B 63 -7.46 -15.89 3.55
C THR B 63 -8.64 -15.70 2.59
N PHE B 64 -8.91 -14.43 2.21
CA PHE B 64 -10.02 -14.22 1.33
C PHE B 64 -9.80 -12.80 0.70
N GLY B 65 -10.54 -12.51 -0.36
CA GLY B 65 -10.51 -11.15 -0.93
C GLY B 65 -11.91 -10.80 -1.29
N PHE B 66 -12.23 -9.50 -1.36
CA PHE B 66 -13.49 -9.17 -2.05
C PHE B 66 -13.42 -7.78 -2.64
N THR B 67 -14.32 -7.52 -3.57
CA THR B 67 -14.40 -6.22 -4.20
C THR B 67 -15.73 -5.57 -3.81
N VAL B 68 -15.72 -4.30 -3.49
CA VAL B 68 -16.97 -3.59 -3.17
C VAL B 68 -17.20 -2.67 -4.37
N ASN B 69 -18.39 -2.81 -4.96
CA ASN B 69 -18.74 -2.07 -6.13
C ASN B 69 -19.64 -0.87 -5.67
N TRP B 70 -19.04 0.24 -5.37
CA TRP B 70 -19.73 1.35 -4.71
C TRP B 70 -20.85 1.90 -5.65
N LYS B 71 -22.00 2.19 -5.09
CA LYS B 71 -23.13 2.54 -5.90
C LYS B 71 -23.36 4.02 -5.83
N PHE B 72 -22.49 4.78 -5.17
CA PHE B 72 -22.67 6.24 -5.08
C PHE B 72 -21.40 6.98 -5.53
N SER B 73 -20.47 6.23 -6.17
CA SER B 73 -19.13 6.72 -6.53
C SER B 73 -18.77 5.96 -7.77
N GLU B 74 -17.80 6.47 -8.48
CA GLU B 74 -17.20 5.80 -9.60
C GLU B 74 -16.02 4.88 -9.16
N SER B 75 -15.74 4.90 -7.87
CA SER B 75 -14.60 4.17 -7.25
C SER B 75 -14.88 2.71 -7.03
N THR B 76 -13.83 1.94 -6.77
CA THR B 76 -13.95 0.49 -6.44
C THR B 76 -13.00 0.31 -5.27
N THR B 77 -13.39 -0.46 -4.25
CA THR B 77 -12.41 -0.84 -3.21
C THR B 77 -12.20 -2.35 -3.20
N VAL B 78 -11.00 -2.85 -3.05
CA VAL B 78 -10.80 -4.27 -2.79
C VAL B 78 -10.31 -4.45 -1.38
N PHE B 79 -10.65 -5.59 -0.74
CA PHE B 79 -10.18 -5.87 0.59
C PHE B 79 -9.57 -7.29 0.49
N THR B 80 -8.46 -7.52 1.19
CA THR B 80 -8.02 -8.90 1.37
C THR B 80 -7.60 -9.06 2.78
N GLY B 81 -7.70 -10.29 3.32
CA GLY B 81 -7.22 -10.48 4.63
C GLY B 81 -7.38 -11.95 5.04
N GLN B 82 -7.49 -12.14 6.33
CA GLN B 82 -7.67 -13.47 6.96
C GLN B 82 -8.65 -13.46 8.18
N CYS B 83 -9.38 -14.55 8.29
CA CYS B 83 -10.42 -14.81 9.25
C CYS B 83 -9.76 -15.57 10.40
N PHE B 84 -9.59 -14.89 11.51
CA PHE B 84 -9.02 -15.55 12.69
C PHE B 84 -10.14 -15.92 13.67
N ILE B 85 -9.96 -17.06 14.34
CA ILE B 85 -10.95 -17.60 15.26
C ILE B 85 -10.13 -18.02 16.49
N ASP B 86 -10.47 -17.47 17.67
CA ASP B 86 -9.76 -17.76 18.94
C ASP B 86 -10.41 -19.02 19.64
N ARG B 87 -10.07 -19.30 20.92
CA ARG B 87 -10.56 -20.60 21.54
C ARG B 87 -11.99 -20.53 22.18
N ASN B 88 -12.47 -19.31 22.44
CA ASN B 88 -13.89 -19.00 22.61
C ASN B 88 -14.75 -19.18 21.33
N GLY B 89 -14.10 -19.33 20.17
CA GLY B 89 -14.83 -19.19 18.90
C GLY B 89 -15.19 -17.76 18.48
N LYS B 90 -14.53 -16.76 19.09
CA LYS B 90 -14.70 -15.34 18.64
C LYS B 90 -13.91 -15.10 17.30
N GLU B 91 -14.52 -14.40 16.34
CA GLU B 91 -13.90 -14.32 15.04
C GLU B 91 -13.49 -12.90 14.78
N VAL B 92 -12.42 -12.74 14.00
CA VAL B 92 -11.99 -11.40 13.60
C VAL B 92 -11.40 -11.51 12.17
N LEU B 93 -11.76 -10.53 11.36
CA LEU B 93 -11.29 -10.48 10.00
C LEU B 93 -10.30 -9.33 10.02
N LYS B 94 -9.06 -9.62 9.75
CA LYS B 94 -8.07 -8.52 9.66
C LYS B 94 -7.79 -8.34 8.18
N THR B 95 -8.01 -7.13 7.64
CA THR B 95 -7.87 -6.89 6.20
C THR B 95 -7.10 -5.59 5.96
N MET B 96 -6.70 -5.43 4.68
CA MET B 96 -6.20 -4.20 4.15
C MET B 96 -6.93 -4.00 2.85
N TRP B 97 -7.05 -2.72 2.48
CA TRP B 97 -7.79 -2.41 1.27
C TRP B 97 -7.05 -1.44 0.39
N LEU B 98 -7.40 -1.42 -0.90
CA LEU B 98 -7.04 -0.37 -1.80
C LEU B 98 -8.31 0.20 -2.33
N LEU B 99 -8.43 1.52 -2.21
CA LEU B 99 -9.49 2.36 -2.76
C LEU B 99 -9.02 3.04 -4.07
N ARG B 100 -9.63 2.62 -5.21
CA ARG B 100 -9.22 3.10 -6.48
C ARG B 100 -10.25 4.23 -6.84
N SER B 101 -9.80 5.44 -6.96
CA SER B 101 -10.68 6.53 -7.51
C SER B 101 -10.61 6.51 -9.03
N SER B 102 -11.63 7.08 -9.67
CA SER B 102 -11.66 7.25 -11.08
C SER B 102 -10.98 8.56 -11.42
N VAL B 103 -10.04 8.57 -12.38
CA VAL B 103 -9.40 9.81 -12.78
C VAL B 103 -9.74 9.99 -14.28
N ASN B 104 -9.78 11.24 -14.70
CA ASN B 104 -10.18 11.55 -16.09
C ASN B 104 -9.05 11.35 -17.07
N ASP B 105 -7.82 11.52 -16.64
CA ASP B 105 -6.71 11.31 -17.54
C ASP B 105 -5.70 10.32 -16.99
N ILE B 106 -5.11 9.57 -17.89
CA ILE B 106 -4.17 8.58 -17.49
C ILE B 106 -2.93 9.20 -16.84
N GLY B 107 -2.69 10.48 -17.10
CA GLY B 107 -1.56 11.24 -16.53
C GLY B 107 -1.75 11.42 -15.01
N ASP B 108 -2.98 11.30 -14.52
CA ASP B 108 -3.29 11.34 -13.07
C ASP B 108 -3.37 9.97 -12.36
N ASP B 109 -3.13 8.88 -13.09
CA ASP B 109 -3.26 7.53 -12.52
C ASP B 109 -2.48 7.42 -11.22
N TRP B 110 -1.30 8.04 -11.19
CA TRP B 110 -0.35 7.89 -10.03
C TRP B 110 -1.00 8.22 -8.70
N LYS B 111 -2.08 9.03 -8.69
CA LYS B 111 -2.56 9.58 -7.40
C LYS B 111 -3.89 8.91 -7.05
N ALA B 112 -4.29 7.94 -7.87
CA ALA B 112 -5.67 7.37 -7.83
C ALA B 112 -5.92 6.25 -6.76
N THR B 113 -4.91 5.84 -6.00
CA THR B 113 -5.02 4.56 -5.19
C THR B 113 -4.67 4.89 -3.72
N ARG B 114 -5.64 4.71 -2.83
CA ARG B 114 -5.41 4.87 -1.40
C ARG B 114 -5.35 3.51 -0.73
N VAL B 115 -4.76 3.46 0.43
CA VAL B 115 -4.50 2.18 1.12
C VAL B 115 -4.81 2.40 2.61
N GLY B 116 -5.25 1.31 3.26
CA GLY B 116 -5.57 1.34 4.68
C GLY B 116 -5.91 -0.08 5.18
N ILE B 117 -6.32 -0.18 6.46
CA ILE B 117 -6.74 -1.42 7.01
C ILE B 117 -8.20 -1.36 7.43
N ASN B 118 -8.80 -2.50 7.74
CA ASN B 118 -10.16 -2.48 8.31
C ASN B 118 -10.21 -3.80 9.11
N ILE B 119 -10.53 -3.68 10.38
CA ILE B 119 -10.71 -4.86 11.27
C ILE B 119 -12.19 -5.08 11.57
N PHE B 120 -12.74 -6.26 11.29
CA PHE B 120 -14.19 -6.47 11.41
C PHE B 120 -14.46 -7.51 12.51
N THR B 121 -15.46 -7.23 13.33
CA THR B 121 -15.92 -8.23 14.30
C THR B 121 -17.40 -8.55 14.01
N ARG B 122 -17.86 -9.70 14.47
CA ARG B 122 -19.33 -10.01 14.42
C ARG B 122 -20.27 -8.96 15.01
N LEU B 123 -21.29 -8.57 14.22
CA LEU B 123 -22.28 -7.57 14.67
C LEU B 123 -23.58 -8.27 15.00
N ALA C 1 -6.44 24.22 21.50
CA ALA C 1 -5.80 22.96 20.95
C ALA C 1 -4.26 22.97 21.09
N ARG C 2 -3.72 21.94 21.73
CA ARG C 2 -2.25 21.77 21.87
C ARG C 2 -1.67 21.63 20.46
N LYS C 3 -0.36 21.86 20.36
CA LYS C 3 0.36 21.55 19.16
C LYS C 3 0.67 20.11 19.39
N CYS C 4 0.58 19.33 18.34
CA CYS C 4 0.99 17.89 18.44
C CYS C 4 2.47 17.88 18.02
N SER C 5 3.31 17.36 18.90
CA SER C 5 4.79 17.43 18.75
C SER C 5 5.32 16.01 18.60
N LEU C 6 6.28 15.78 17.71
CA LEU C 6 6.83 14.44 17.56
C LEU C 6 7.80 13.98 18.68
N THR C 7 8.40 14.95 19.33
CA THR C 7 9.53 14.74 20.27
C THR C 7 9.08 13.95 21.47
N GLY C 8 9.76 12.86 21.82
CA GLY C 8 9.31 12.12 23.01
C GLY C 8 9.48 10.63 22.76
N LYS C 9 9.06 9.84 23.73
CA LYS C 9 9.13 8.39 23.62
C LYS C 9 7.70 7.88 23.29
N TRP C 10 7.58 6.90 22.39
CA TRP C 10 6.29 6.49 21.91
C TRP C 10 6.23 4.98 21.99
N THR C 11 5.03 4.43 22.13
CA THR C 11 4.82 2.97 21.99
C THR C 11 3.56 2.66 21.16
N ASN C 12 3.46 1.47 20.59
CA ASN C 12 2.20 0.99 20.00
C ASN C 12 1.59 -0.20 20.80
N ASP C 13 0.47 -0.78 20.34
CA ASP C 13 -0.21 -1.80 21.20
C ASP C 13 0.75 -2.97 21.48
N LEU C 14 1.50 -3.31 20.45
CA LEU C 14 2.47 -4.37 20.47
C LEU C 14 3.67 -4.14 21.39
N GLY C 15 3.85 -2.94 21.89
CA GLY C 15 5.03 -2.74 22.72
C GLY C 15 6.34 -2.46 21.97
N SER C 16 6.31 -2.26 20.68
CA SER C 16 7.40 -1.62 20.01
C SER C 16 7.50 -0.20 20.55
N ASN C 17 8.71 0.29 20.70
CA ASN C 17 8.91 1.62 21.15
C ASN C 17 9.79 2.42 20.21
N MET C 18 9.61 3.71 20.26
CA MET C 18 10.38 4.62 19.49
C MET C 18 10.61 5.94 20.22
N THR C 19 11.80 6.45 20.10
CA THR C 19 12.14 7.74 20.67
C THR C 19 12.48 8.70 19.53
N ILE C 20 11.85 9.89 19.58
CA ILE C 20 12.15 10.93 18.61
C ILE C 20 12.75 12.13 19.35
N GLY C 21 13.88 12.63 18.84
CA GLY C 21 14.48 13.82 19.43
C GLY C 21 13.77 15.12 19.05
N ALA C 22 14.46 16.20 19.39
CA ALA C 22 14.08 17.58 19.02
C ALA C 22 13.95 17.69 17.52
N VAL C 23 12.94 18.41 17.07
CA VAL C 23 12.78 18.63 15.65
C VAL C 23 13.39 20.00 15.36
N ASN C 24 14.31 20.11 14.39
CA ASN C 24 15.03 21.36 14.17
C ASN C 24 14.23 22.31 13.30
N SER C 25 14.80 23.48 12.98
CA SER C 25 13.97 24.54 12.29
C SER C 25 13.73 24.15 10.83
N ARG C 26 14.48 23.20 10.34
CA ARG C 26 14.28 22.68 9.01
C ARG C 26 13.31 21.49 9.08
N GLY C 27 12.88 21.15 10.27
CA GLY C 27 11.87 20.12 10.52
C GLY C 27 12.46 18.70 10.59
N GLU C 28 13.78 18.56 10.63
CA GLU C 28 14.49 17.27 10.78
C GLU C 28 14.54 16.75 12.18
N PHE C 29 14.49 15.44 12.33
CA PHE C 29 14.60 14.83 13.65
C PHE C 29 15.27 13.48 13.45
N THR C 30 15.80 13.01 14.57
CA THR C 30 16.54 11.78 14.65
C THR C 30 15.90 11.01 15.77
N GLY C 31 15.97 9.67 15.74
CA GLY C 31 15.51 8.97 16.94
C GLY C 31 15.98 7.54 16.88
N THR C 32 15.28 6.68 17.61
CA THR C 32 15.61 5.24 17.58
C THR C 32 14.30 4.48 17.61
N TYR C 33 14.30 3.27 17.07
CA TYR C 33 13.16 2.41 17.09
C TYR C 33 13.55 1.04 17.72
N ILE C 34 12.80 0.51 18.68
CA ILE C 34 13.03 -0.95 19.01
C ILE C 34 11.81 -1.71 18.66
N THR C 35 11.91 -2.56 17.67
CA THR C 35 10.77 -3.34 17.28
C THR C 35 10.63 -4.60 18.16
N ALA C 36 9.39 -4.83 18.62
CA ALA C 36 8.95 -6.09 19.28
C ALA C 36 8.92 -7.32 18.38
N VAL C 37 8.88 -7.16 17.05
CA VAL C 37 8.77 -8.28 16.14
C VAL C 37 9.58 -8.01 14.89
N THR C 38 9.80 -9.04 14.06
CA THR C 38 10.60 -8.95 12.86
C THR C 38 10.17 -10.02 11.88
N ALA C 39 10.36 -9.77 10.57
CA ALA C 39 10.16 -10.76 9.52
C ALA C 39 11.42 -11.56 9.11
N THR C 40 12.58 -11.17 9.62
CA THR C 40 13.82 -11.92 9.23
C THR C 40 14.04 -13.08 10.23
N SER C 41 14.97 -13.98 9.89
CA SER C 41 15.44 -14.99 10.84
C SER C 41 16.51 -14.38 11.75
N ASN C 42 16.51 -13.04 11.83
CA ASN C 42 17.59 -12.36 12.55
C ASN C 42 17.32 -11.83 13.97
N GLU C 43 18.42 -11.62 14.67
CA GLU C 43 18.39 -11.21 16.07
C GLU C 43 18.09 -9.67 16.10
N ILE C 44 17.10 -9.25 16.88
CA ILE C 44 16.61 -7.87 16.83
C ILE C 44 17.49 -6.92 17.67
N LYS C 45 17.78 -5.71 17.15
CA LYS C 45 18.51 -4.66 17.90
C LYS C 45 17.87 -3.27 17.64
N GLU C 46 17.87 -2.43 18.67
CA GLU C 46 17.56 -0.98 18.54
C GLU C 46 18.17 -0.43 17.26
N SER C 47 17.46 0.40 16.52
CA SER C 47 17.99 0.96 15.28
C SER C 47 17.63 2.45 15.14
N PRO C 48 18.44 3.16 14.35
CA PRO C 48 18.21 4.63 14.35
C PRO C 48 17.08 4.90 13.36
N LEU C 49 16.50 6.09 13.45
CA LEU C 49 15.51 6.51 12.48
C LEU C 49 15.85 8.00 12.19
N HIS C 50 15.52 8.48 11.00
CA HIS C 50 15.73 9.89 10.68
C HIS C 50 14.58 10.32 9.81
N GLY C 51 14.06 11.55 10.02
CA GLY C 51 12.89 11.92 9.21
C GLY C 51 12.70 13.43 9.28
N THR C 52 11.54 13.87 8.84
CA THR C 52 11.18 15.29 8.86
C THR C 52 9.74 15.42 9.12
N GLN C 53 9.42 16.52 9.77
CA GLN C 53 8.04 16.92 9.94
C GLN C 53 7.81 18.03 8.90
N ASN C 54 6.65 18.06 8.26
CA ASN C 54 6.36 19.08 7.28
C ASN C 54 5.92 20.34 8.08
N THR C 55 6.52 21.49 7.81
CA THR C 55 6.15 22.70 8.56
C THR C 55 5.48 23.80 7.70
N ILE C 56 4.94 23.43 6.54
CA ILE C 56 4.20 24.34 5.66
C ILE C 56 2.89 24.77 6.37
N ASN C 57 2.66 26.10 6.37
CA ASN C 57 1.55 26.71 7.13
C ASN C 57 1.55 26.38 8.60
N LYS C 58 2.74 26.11 9.15
CA LYS C 58 2.94 25.72 10.57
C LYS C 58 1.75 25.02 11.24
N ARG C 59 1.29 23.88 10.64
CA ARG C 59 0.09 23.22 11.14
C ARG C 59 0.36 22.63 12.50
N THR C 60 -0.67 22.57 13.35
CA THR C 60 -0.50 22.10 14.73
C THR C 60 -0.56 20.59 14.73
N GLN C 61 -1.07 20.03 13.66
CA GLN C 61 -1.15 18.59 13.53
C GLN C 61 -0.35 18.19 12.26
N PRO C 62 0.96 18.26 12.33
CA PRO C 62 1.71 18.14 11.00
C PRO C 62 1.83 16.76 10.41
N THR C 63 2.06 16.63 9.10
CA THR C 63 2.40 15.29 8.63
C THR C 63 3.88 15.16 8.83
N PHE C 64 4.40 13.92 8.69
CA PHE C 64 5.80 13.70 8.88
C PHE C 64 6.14 12.33 8.19
N GLY C 65 7.46 12.13 7.97
CA GLY C 65 7.93 10.90 7.41
C GLY C 65 9.21 10.52 8.08
N PHE C 66 9.51 9.22 8.21
CA PHE C 66 10.84 8.84 8.67
C PHE C 66 11.22 7.45 8.12
N THR C 67 12.53 7.17 8.05
CA THR C 67 13.06 5.94 7.56
C THR C 67 13.70 5.26 8.81
N VAL C 68 13.44 3.96 8.94
CA VAL C 68 14.19 3.19 9.98
C VAL C 68 15.26 2.39 9.29
N ASN C 69 16.50 2.63 9.71
CA ASN C 69 17.67 1.99 9.12
C ASN C 69 18.02 0.74 9.96
N TRP C 70 17.31 -0.37 9.73
CA TRP C 70 17.49 -1.51 10.67
C TRP C 70 19.00 -1.96 10.78
N LYS C 71 19.47 -2.17 11.99
CA LYS C 71 20.92 -2.48 12.13
C LYS C 71 21.15 -4.01 12.19
N PHE C 72 20.10 -4.82 11.95
CA PHE C 72 20.16 -6.27 12.19
C PHE C 72 19.61 -6.97 11.00
N SER C 73 19.35 -6.22 9.93
CA SER C 73 18.91 -6.81 8.74
C SER C 73 19.30 -5.94 7.57
N GLU C 74 19.15 -6.45 6.37
CA GLU C 74 19.38 -5.66 5.22
C GLU C 74 18.14 -4.85 4.76
N SER C 75 17.05 -4.97 5.55
CA SER C 75 15.75 -4.26 5.28
C SER C 75 15.80 -2.78 5.62
N THR C 76 14.84 -2.02 5.01
CA THR C 76 14.58 -0.64 5.44
C THR C 76 13.02 -0.48 5.61
N THR C 77 12.55 0.24 6.60
CA THR C 77 11.11 0.58 6.66
C THR C 77 11.01 2.15 6.64
N VAL C 78 10.02 2.66 5.92
CA VAL C 78 9.62 4.09 5.95
C VAL C 78 8.23 4.12 6.55
N PHE C 79 8.02 5.15 7.37
CA PHE C 79 6.72 5.40 7.99
C PHE C 79 6.28 6.82 7.56
N THR C 80 5.01 7.04 7.34
CA THR C 80 4.54 8.42 7.15
C THR C 80 3.20 8.54 7.82
N GLY C 81 2.86 9.69 8.40
CA GLY C 81 1.56 9.79 9.08
C GLY C 81 1.35 11.24 9.51
N GLN C 82 0.48 11.43 10.54
CA GLN C 82 0.17 12.73 10.98
C GLN C 82 0.07 12.63 12.52
N CYS C 83 0.50 13.71 13.19
CA CYS C 83 0.48 13.81 14.65
C CYS C 83 -0.84 14.54 15.02
N PHE C 84 -1.82 13.85 15.55
CA PHE C 84 -3.13 14.45 15.85
C PHE C 84 -3.23 14.68 17.36
N ILE C 85 -4.00 15.69 17.77
CA ILE C 85 -4.61 15.69 19.12
C ILE C 85 -5.89 14.94 18.97
N ASP C 86 -5.96 13.82 19.64
CA ASP C 86 -7.11 12.94 19.52
C ASP C 86 -8.35 13.51 20.26
N ARG C 87 -9.48 12.83 20.15
CA ARG C 87 -10.75 13.41 20.67
C ARG C 87 -10.70 13.60 22.20
N ASN C 88 -9.90 12.76 22.82
CA ASN C 88 -9.61 12.76 24.23
C ASN C 88 -8.46 13.69 24.69
N GLY C 89 -7.93 14.45 23.73
CA GLY C 89 -6.86 15.43 23.99
C GLY C 89 -5.48 14.86 24.09
N LYS C 90 -5.34 13.56 23.96
CA LYS C 90 -3.99 12.99 23.86
C LYS C 90 -3.38 13.15 22.45
N GLU C 91 -2.05 13.20 22.39
CA GLU C 91 -1.36 13.07 21.07
C GLU C 91 -1.45 11.70 20.55
N VAL C 92 -1.64 11.57 19.24
CA VAL C 92 -1.56 10.25 18.67
C VAL C 92 -0.81 10.30 17.31
N LEU C 93 0.08 9.35 17.03
CA LEU C 93 0.66 9.35 15.66
C LEU C 93 -0.10 8.28 14.87
N LYS C 94 -0.74 8.69 13.76
CA LYS C 94 -1.37 7.71 12.91
C LYS C 94 -0.44 7.57 11.70
N THR C 95 0.15 6.36 11.52
CA THR C 95 1.11 6.17 10.47
C THR C 95 0.78 4.95 9.58
N MET C 96 1.31 4.92 8.37
CA MET C 96 1.44 3.74 7.59
C MET C 96 2.87 3.58 7.22
N TRP C 97 3.21 2.36 6.88
CA TRP C 97 4.65 1.97 6.62
C TRP C 97 4.75 1.08 5.44
N LEU C 98 5.95 1.06 4.84
CA LEU C 98 6.31 0.17 3.85
C LEU C 98 7.61 -0.49 4.33
N LEU C 99 7.66 -1.81 4.29
CA LEU C 99 8.87 -2.56 4.76
C LEU C 99 9.49 -3.14 3.50
N ARG C 100 10.72 -2.68 3.15
CA ARG C 100 11.35 -3.10 1.89
C ARG C 100 12.36 -4.22 2.29
N SER C 101 12.14 -5.44 1.80
CA SER C 101 13.10 -6.56 1.99
C SER C 101 14.14 -6.43 0.90
N SER C 102 15.34 -6.90 1.25
CA SER C 102 16.42 -6.95 0.29
C SER C 102 16.20 -8.20 -0.51
N VAL C 103 16.12 -8.08 -1.81
CA VAL C 103 16.06 -9.33 -2.56
C VAL C 103 17.45 -9.60 -3.21
N ASN C 104 17.76 -10.87 -3.58
CA ASN C 104 19.08 -11.21 -4.19
C ASN C 104 19.06 -10.97 -5.67
N ASP C 105 17.88 -10.92 -6.23
CA ASP C 105 17.75 -10.82 -7.65
C ASP C 105 16.68 -9.81 -8.05
N ILE C 106 16.99 -8.96 -9.02
CA ILE C 106 16.01 -8.02 -9.53
C ILE C 106 14.64 -8.63 -9.89
N GLY C 107 14.61 -9.90 -10.32
CA GLY C 107 13.35 -10.49 -10.84
C GLY C 107 12.41 -10.72 -9.69
N ASP C 108 12.94 -10.66 -8.46
CA ASP C 108 12.13 -10.82 -7.23
C ASP C 108 11.63 -9.47 -6.65
N ASP C 109 11.85 -8.37 -7.38
CA ASP C 109 11.54 -7.06 -6.82
C ASP C 109 10.05 -7.05 -6.39
N TRP C 110 9.18 -7.69 -7.19
CA TRP C 110 7.74 -7.53 -7.12
C TRP C 110 7.21 -7.87 -5.73
N LYS C 111 7.95 -8.70 -4.97
CA LYS C 111 7.48 -9.21 -3.76
C LYS C 111 8.20 -8.66 -2.57
N ALA C 112 9.03 -7.63 -2.75
CA ALA C 112 9.92 -7.16 -1.64
C ALA C 112 9.29 -6.17 -0.72
N THR C 113 8.01 -5.77 -1.00
CA THR C 113 7.42 -4.66 -0.20
C THR C 113 6.16 -5.02 0.58
N ARG C 114 6.23 -4.94 1.88
CA ARG C 114 5.00 -5.19 2.73
C ARG C 114 4.45 -3.81 3.20
N VAL C 115 3.19 -3.77 3.69
CA VAL C 115 2.55 -2.50 3.98
C VAL C 115 1.74 -2.77 5.20
N GLY C 116 1.60 -1.73 5.99
CA GLY C 116 0.86 -1.86 7.26
C GLY C 116 0.60 -0.50 7.85
N ILE C 117 -0.10 -0.50 9.00
CA ILE C 117 -0.29 0.67 9.80
C ILE C 117 0.51 0.58 11.10
N ASN C 118 0.62 1.71 11.75
CA ASN C 118 1.12 1.70 13.16
C ASN C 118 0.63 2.90 13.84
N ILE C 119 0.06 2.73 15.04
CA ILE C 119 -0.52 3.84 15.77
C ILE C 119 0.26 3.98 17.07
N PHE C 120 0.80 5.17 17.33
CA PHE C 120 1.65 5.36 18.49
C PHE C 120 1.05 6.26 19.46
N THR C 121 1.37 5.97 20.69
CA THR C 121 0.88 6.80 21.75
C THR C 121 2.08 7.08 22.67
N ARG C 122 2.09 8.19 23.38
CA ARG C 122 3.27 8.60 24.17
C ARG C 122 3.45 7.74 25.39
N LEU C 123 4.65 7.21 25.59
CA LEU C 123 4.85 6.18 26.61
C LEU C 123 5.21 6.78 27.96
N LYS D 3 28.61 -1.55 -4.81
CA LYS D 3 28.77 -1.03 -6.15
C LYS D 3 27.46 -0.38 -6.71
N CYS D 4 26.25 -0.71 -6.20
CA CYS D 4 25.07 0.13 -6.61
C CYS D 4 25.08 1.31 -5.67
N SER D 5 25.39 2.49 -6.19
CA SER D 5 25.40 3.67 -5.33
C SER D 5 24.19 4.57 -5.54
N LEU D 6 23.72 5.18 -4.47
CA LEU D 6 22.60 6.16 -4.60
C LEU D 6 22.96 7.52 -5.12
N THR D 7 24.24 7.85 -5.05
CA THR D 7 24.68 9.24 -5.30
C THR D 7 24.53 9.53 -6.76
N GLY D 8 23.83 10.60 -7.14
CA GLY D 8 23.72 10.95 -8.50
C GLY D 8 22.46 11.76 -8.74
N LYS D 9 22.20 12.08 -10.01
CA LYS D 9 21.01 12.76 -10.39
C LYS D 9 20.25 11.69 -11.09
N TRP D 10 18.93 11.61 -10.80
CA TRP D 10 18.03 10.53 -11.21
C TRP D 10 16.81 11.09 -11.78
N THR D 11 16.20 10.32 -12.69
CA THR D 11 14.94 10.73 -13.29
C THR D 11 14.01 9.52 -13.42
N ASN D 12 12.73 9.77 -13.61
CA ASN D 12 11.81 8.67 -13.94
C ASN D 12 11.05 8.92 -15.21
N ASP D 13 10.21 7.97 -15.65
CA ASP D 13 9.50 8.11 -17.01
C ASP D 13 8.72 9.39 -17.14
N LEU D 14 8.19 9.90 -16.01
CA LEU D 14 7.44 11.19 -15.96
C LEU D 14 8.34 12.42 -16.11
N GLY D 15 9.64 12.21 -16.03
CA GLY D 15 10.54 13.32 -15.95
C GLY D 15 10.49 14.12 -14.63
N SER D 16 10.04 13.53 -13.51
CA SER D 16 10.55 14.02 -12.17
C SER D 16 12.05 13.79 -12.00
N ASN D 17 12.78 14.66 -11.31
CA ASN D 17 14.20 14.39 -11.05
C ASN D 17 14.54 14.42 -9.61
N MET D 18 15.61 13.77 -9.24
CA MET D 18 15.99 13.73 -7.89
C MET D 18 17.53 13.80 -7.90
N THR D 19 18.13 14.52 -6.96
CA THR D 19 19.55 14.36 -6.76
C THR D 19 19.78 13.81 -5.40
N ILE D 20 20.79 12.98 -5.29
CA ILE D 20 21.16 12.48 -3.97
C ILE D 20 22.69 12.73 -3.87
N GLY D 21 23.13 13.24 -2.74
CA GLY D 21 24.52 13.51 -2.54
C GLY D 21 25.24 12.29 -1.99
N ALA D 22 26.41 12.54 -1.43
CA ALA D 22 27.21 11.47 -0.82
C ALA D 22 26.46 10.81 0.30
N VAL D 23 26.72 9.51 0.47
CA VAL D 23 26.15 8.71 1.46
C VAL D 23 27.28 8.61 2.50
N ASN D 24 27.08 9.10 3.74
CA ASN D 24 28.12 9.03 4.75
C ASN D 24 28.29 7.61 5.32
N SER D 25 29.17 7.42 6.32
CA SER D 25 29.56 6.06 6.77
C SER D 25 28.48 5.46 7.68
N ARG D 26 27.60 6.32 8.21
CA ARG D 26 26.33 5.92 8.85
C ARG D 26 25.18 5.57 7.88
N GLY D 27 25.42 5.60 6.57
CA GLY D 27 24.39 5.41 5.56
C GLY D 27 23.43 6.60 5.27
N GLU D 28 23.63 7.74 5.92
CA GLU D 28 22.77 8.93 5.70
C GLU D 28 23.06 9.70 4.39
N PHE D 29 22.02 10.22 3.74
CA PHE D 29 22.22 11.06 2.60
C PHE D 29 21.13 12.15 2.56
N THR D 30 21.36 13.21 1.82
CA THR D 30 20.33 14.22 1.62
C THR D 30 20.22 14.42 0.17
N GLY D 31 19.19 15.13 -0.32
CA GLY D 31 18.99 15.12 -1.77
C GLY D 31 17.91 16.13 -2.05
N THR D 32 17.48 16.27 -3.27
CA THR D 32 16.37 17.20 -3.53
C THR D 32 15.46 16.42 -4.52
N TYR D 33 14.22 16.83 -4.66
CA TYR D 33 13.22 16.15 -5.55
C TYR D 33 12.47 17.31 -6.22
N ILE D 34 12.48 17.30 -7.53
CA ILE D 34 11.64 18.21 -8.26
C ILE D 34 10.61 17.37 -9.02
N THR D 35 9.38 17.39 -8.52
CA THR D 35 8.32 16.56 -9.10
C THR D 35 7.73 17.30 -10.29
N ALA D 36 7.41 16.51 -11.34
CA ALA D 36 6.64 17.01 -12.54
C ALA D 36 5.16 17.16 -12.21
N VAL D 37 4.64 16.43 -11.21
CA VAL D 37 3.19 16.40 -10.95
C VAL D 37 2.90 16.64 -9.49
N THR D 38 1.66 17.00 -9.20
CA THR D 38 1.27 17.20 -7.82
C THR D 38 -0.22 16.92 -7.65
N ALA D 39 -0.64 16.54 -6.44
CA ALA D 39 -2.07 16.27 -6.17
C ALA D 39 -2.71 17.61 -5.70
N THR D 40 -1.87 18.63 -5.61
CA THR D 40 -2.16 19.89 -4.93
C THR D 40 -2.54 20.94 -5.99
N SER D 41 -3.07 22.10 -5.61
CA SER D 41 -3.22 23.12 -6.62
C SER D 41 -2.13 24.20 -6.49
N ASN D 42 -1.16 24.02 -5.58
CA ASN D 42 -0.02 24.97 -5.47
C ASN D 42 1.00 24.81 -6.63
N GLU D 43 1.85 25.80 -6.84
CA GLU D 43 2.96 25.74 -7.77
C GLU D 43 4.03 24.84 -7.17
N ILE D 44 4.52 23.90 -7.97
CA ILE D 44 5.59 22.99 -7.49
C ILE D 44 6.91 23.72 -7.23
N LYS D 45 7.55 23.43 -6.09
CA LYS D 45 8.91 23.91 -5.86
C LYS D 45 9.82 22.69 -5.56
N GLU D 46 11.08 22.79 -5.93
CA GLU D 46 12.07 21.77 -5.53
C GLU D 46 11.99 21.54 -4.02
N SER D 47 12.09 20.30 -3.53
CA SER D 47 11.96 20.06 -2.12
C SER D 47 13.07 19.17 -1.59
N PRO D 48 13.44 19.32 -0.31
CA PRO D 48 14.60 18.56 0.14
C PRO D 48 14.21 17.12 0.43
N LEU D 49 15.15 16.20 0.41
CA LEU D 49 14.82 14.87 0.93
C LEU D 49 15.97 14.42 1.80
N HIS D 50 15.66 13.58 2.77
CA HIS D 50 16.66 12.97 3.63
C HIS D 50 16.33 11.48 3.78
N GLY D 51 17.37 10.65 3.85
CA GLY D 51 17.11 9.26 4.18
C GLY D 51 18.42 8.50 4.46
N THR D 52 18.33 7.19 4.41
CA THR D 52 19.46 6.29 4.70
C THR D 52 19.44 5.12 3.75
N GLN D 53 20.66 4.70 3.40
CA GLN D 53 20.88 3.43 2.75
C GLN D 53 21.27 2.40 3.81
N ASN D 54 20.76 1.18 3.67
CA ASN D 54 21.10 0.13 4.59
C ASN D 54 22.53 -0.44 4.23
N THR D 55 23.42 -0.48 5.18
CA THR D 55 24.79 -0.99 4.93
C THR D 55 25.12 -2.35 5.59
N ILE D 56 24.15 -3.01 6.19
CA ILE D 56 24.37 -4.32 6.80
C ILE D 56 24.90 -5.33 5.74
N ASN D 57 25.95 -6.08 6.08
CA ASN D 57 26.68 -6.94 5.08
C ASN D 57 27.15 -6.23 3.82
N LYS D 58 27.24 -4.91 3.94
CA LYS D 58 27.68 -4.04 2.82
C LYS D 58 27.28 -4.56 1.46
N ARG D 59 25.98 -4.81 1.28
CA ARG D 59 25.48 -5.44 0.02
C ARG D 59 25.76 -4.62 -1.21
N THR D 60 25.96 -5.27 -2.35
CA THR D 60 26.11 -4.54 -3.57
C THR D 60 24.81 -3.85 -4.05
N GLN D 61 23.64 -4.32 -3.60
CA GLN D 61 22.40 -3.79 -4.14
C GLN D 61 21.54 -3.49 -2.88
N PRO D 62 21.91 -2.41 -2.12
CA PRO D 62 21.41 -2.16 -0.80
C PRO D 62 19.93 -1.64 -0.88
N THR D 63 19.19 -1.81 0.22
CA THR D 63 17.84 -1.20 0.32
C THR D 63 18.09 0.22 0.90
N PHE D 64 17.07 1.05 0.82
CA PHE D 64 17.24 2.42 1.38
C PHE D 64 15.81 2.99 1.50
N GLY D 65 15.73 4.07 2.24
CA GLY D 65 14.44 4.78 2.38
C GLY D 65 14.73 6.28 2.38
N PHE D 66 13.73 7.09 2.06
CA PHE D 66 13.93 8.51 2.29
C PHE D 66 12.59 9.18 2.38
N THR D 67 12.61 10.34 3.01
CA THR D 67 11.42 11.18 3.09
C THR D 67 11.57 12.47 2.30
N VAL D 68 10.55 12.84 1.54
CA VAL D 68 10.54 14.15 0.79
C VAL D 68 9.64 15.07 1.59
N ASN D 69 10.25 16.17 2.03
CA ASN D 69 9.60 17.18 2.78
C ASN D 69 9.11 18.32 1.81
N TRP D 70 7.94 18.12 1.22
CA TRP D 70 7.41 18.99 0.17
C TRP D 70 7.30 20.44 0.65
N LYS D 71 7.80 21.32 -0.15
CA LYS D 71 7.94 22.73 0.31
C LYS D 71 6.74 23.56 -0.20
N PHE D 72 5.84 22.94 -0.93
CA PHE D 72 4.71 23.63 -1.54
C PHE D 72 3.40 23.00 -1.14
N SER D 73 3.42 22.10 -0.12
CA SER D 73 2.24 21.30 0.31
C SER D 73 2.39 21.03 1.77
N GLU D 74 1.32 20.69 2.45
CA GLU D 74 1.40 20.21 3.81
C GLU D 74 1.67 18.66 3.88
N SER D 75 1.77 18.01 2.73
CA SER D 75 1.95 16.54 2.64
C SER D 75 3.36 16.13 2.84
N THR D 76 3.59 14.82 3.07
CA THR D 76 4.97 14.28 3.13
C THR D 76 4.91 13.03 2.27
N THR D 77 6.01 12.67 1.56
CA THR D 77 6.07 11.38 0.90
C THR D 77 7.26 10.64 1.38
N VAL D 78 7.10 9.34 1.62
CA VAL D 78 8.25 8.45 1.84
C VAL D 78 8.43 7.48 0.74
N PHE D 79 9.71 7.15 0.40
CA PHE D 79 9.97 6.22 -0.70
C PHE D 79 10.90 5.16 -0.08
N THR D 80 10.70 3.89 -0.43
CA THR D 80 11.65 2.85 -0.03
C THR D 80 11.84 1.85 -1.15
N GLY D 81 13.07 1.31 -1.28
CA GLY D 81 13.29 0.45 -2.41
C GLY D 81 14.72 -0.12 -2.36
N GLN D 82 15.23 -0.41 -3.54
CA GLN D 82 16.53 -1.10 -3.67
C GLN D 82 17.22 -0.68 -4.94
N CYS D 83 18.52 -0.52 -4.83
CA CYS D 83 19.35 -0.02 -5.90
C CYS D 83 19.84 -1.31 -6.65
N PHE D 84 19.47 -1.48 -7.90
CA PHE D 84 19.92 -2.68 -8.67
C PHE D 84 20.99 -2.25 -9.68
N ILE D 85 22.03 -3.07 -9.87
CA ILE D 85 23.09 -2.69 -10.83
C ILE D 85 23.35 -3.91 -11.71
N ASP D 86 23.30 -3.73 -13.02
CA ASP D 86 23.43 -4.88 -13.95
C ASP D 86 24.98 -5.19 -14.22
N ARG D 87 25.32 -6.34 -14.84
CA ARG D 87 26.77 -6.59 -15.19
C ARG D 87 27.47 -5.35 -15.83
N ASN D 88 26.74 -4.62 -16.69
CA ASN D 88 27.25 -3.39 -17.33
C ASN D 88 27.58 -2.16 -16.45
N GLY D 89 27.18 -2.15 -15.18
CA GLY D 89 27.26 -0.94 -14.37
C GLY D 89 26.05 -0.03 -14.45
N LYS D 90 24.99 -0.45 -15.15
CA LYS D 90 23.77 0.36 -15.27
C LYS D 90 22.82 0.16 -14.02
N GLU D 91 22.49 1.27 -13.35
CA GLU D 91 21.76 1.18 -12.09
C GLU D 91 20.27 1.51 -12.26
N VAL D 92 19.42 0.95 -11.41
CA VAL D 92 18.03 1.41 -11.42
C VAL D 92 17.56 1.33 -9.97
N LEU D 93 16.69 2.22 -9.61
CA LEU D 93 16.19 2.27 -8.27
C LEU D 93 14.72 1.88 -8.35
N LYS D 94 14.39 0.78 -7.72
CA LYS D 94 13.02 0.32 -7.81
C LYS D 94 12.43 0.68 -6.48
N THR D 95 11.40 1.57 -6.46
CA THR D 95 10.89 2.02 -5.13
C THR D 95 9.36 1.94 -5.10
N MET D 96 8.81 1.91 -3.91
CA MET D 96 7.41 2.24 -3.69
C MET D 96 7.36 3.40 -2.69
N TRP D 97 6.18 4.08 -2.71
CA TRP D 97 6.03 5.25 -1.85
C TRP D 97 4.63 5.34 -1.23
N LEU D 98 4.54 6.08 -0.11
CA LEU D 98 3.30 6.47 0.50
C LEU D 98 3.26 8.03 0.56
N LEU D 99 2.19 8.62 0.05
CA LEU D 99 2.00 10.07 0.07
C LEU D 99 0.92 10.32 1.10
N ARG D 100 1.34 10.96 2.19
CA ARG D 100 0.47 11.27 3.28
C ARG D 100 -0.06 12.73 3.08
N SER D 101 -1.37 12.89 2.95
CA SER D 101 -1.98 14.19 2.92
C SER D 101 -2.25 14.60 4.36
N SER D 102 -2.45 15.91 4.55
CA SER D 102 -2.80 16.45 5.84
C SER D 102 -4.31 16.49 5.85
N VAL D 103 -5.00 15.99 6.88
CA VAL D 103 -6.42 16.12 6.96
C VAL D 103 -6.70 17.00 8.17
N ASN D 104 -7.78 17.79 8.14
CA ASN D 104 -8.12 18.62 9.30
C ASN D 104 -8.57 17.83 10.52
N ASP D 105 -9.33 16.75 10.36
CA ASP D 105 -9.82 16.07 11.53
C ASP D 105 -9.38 14.61 11.53
N ILE D 106 -9.14 14.05 12.72
CA ILE D 106 -8.65 12.70 12.83
C ILE D 106 -9.64 11.70 12.22
N GLY D 107 -10.88 12.15 12.04
CA GLY D 107 -11.95 11.33 11.50
C GLY D 107 -11.72 10.99 10.03
N ASP D 108 -10.89 11.78 9.34
CA ASP D 108 -10.62 11.61 7.92
C ASP D 108 -9.26 10.87 7.65
N ASP D 109 -8.58 10.52 8.73
CA ASP D 109 -7.28 9.86 8.63
C ASP D 109 -7.31 8.71 7.67
N TRP D 110 -8.41 7.97 7.66
CA TRP D 110 -8.45 6.68 6.88
C TRP D 110 -8.20 6.96 5.40
N LYS D 111 -8.51 8.19 4.93
CA LYS D 111 -8.37 8.42 3.50
C LYS D 111 -7.10 9.19 3.14
N ALA D 112 -6.21 9.43 4.12
CA ALA D 112 -5.05 10.32 3.90
C ALA D 112 -3.84 9.76 3.21
N THR D 113 -3.81 8.44 2.87
CA THR D 113 -2.57 7.82 2.44
C THR D 113 -2.70 7.16 1.08
N ARG D 114 -1.95 7.69 0.09
CA ARG D 114 -1.91 7.18 -1.24
C ARG D 114 -0.64 6.35 -1.39
N VAL D 115 -0.64 5.42 -2.34
CA VAL D 115 0.45 4.45 -2.53
C VAL D 115 0.75 4.31 -4.02
N GLY D 116 2.00 3.97 -4.35
CA GLY D 116 2.43 3.99 -5.74
C GLY D 116 3.86 3.41 -5.85
N ILE D 117 4.37 3.35 -7.08
CA ILE D 117 5.72 2.91 -7.34
C ILE D 117 6.49 4.08 -8.01
N ASN D 118 7.80 3.93 -8.11
CA ASN D 118 8.59 4.91 -8.89
C ASN D 118 9.86 4.18 -9.21
N ILE D 119 10.19 4.24 -10.46
CA ILE D 119 11.41 3.62 -10.93
C ILE D 119 12.32 4.74 -11.43
N PHE D 120 13.51 4.83 -10.87
CA PHE D 120 14.43 5.87 -11.28
C PHE D 120 15.62 5.34 -12.08
N THR D 121 16.08 6.13 -13.04
CA THR D 121 17.36 5.80 -13.71
C THR D 121 18.29 7.08 -13.67
N ARG D 122 19.58 6.85 -13.83
CA ARG D 122 20.61 7.93 -13.93
C ARG D 122 20.37 9.10 -14.96
N LEU D 123 20.74 10.32 -14.57
CA LEU D 123 21.02 11.55 -15.37
C LEU D 123 19.78 12.33 -15.69
#